data_5G4K
#
_entry.id   5G4K
#
_cell.length_a   89.756
_cell.length_b   125.391
_cell.length_c   55.468
_cell.angle_alpha   90.00
_cell.angle_beta   90.00
_cell.angle_gamma   90.00
#
_symmetry.space_group_name_H-M   'P 21 21 2'
#
loop_
_entity.id
_entity.type
_entity.pdbx_description
1 polymer 'OXIDOREDUCTASE, SHORT CHAIN DEHYDROGENASE/REDUCTASE FAMILY PROTEIN'
2 polymer 'OXIDOREDUCTASE, SHORT CHAIN DEHYDROGENASE/REDUCTASE FAMILY PROTEIN'
3 water water
#
loop_
_entity_poly.entity_id
_entity_poly.type
_entity_poly.pdbx_seq_one_letter_code
_entity_poly.pdbx_strand_id
1 'polypeptide(L)'
;MGHHHHHHHHHHSSGHIDDDKHMVNVKKEFVDNMFSVKGKVALVTGATGALGCVLSKAYGYAGAKVFMTGRNEKKLQALE
AEFKAEGIDCAYGVADPADEAQVDAMITACVAQYGEVNILAVTHGFNKPQNILEQSVADWQYIMDTDCKSVYVVCKYVAQ
QMVDQGKGGKIVVVTSQRSKRGMAGYTGYCTSKGGADLMVSSMACDLSAKYGINVNSICPTVFRSDLTEWMFDPESAVYQ
NFLKREPIGRLAEPEDFVGYALFLSSDASNYITGANCDCSGGYLTC
;
A
2 'polypeptide(L)'
;MGHHHHHHHHHHSSGHIDDDKHMVNVKKEFVDNMFSVKGKVALVTGATGALGCVLSKAYGYAGAKVFMTGRNEKKLQALE
AEFKAEGIDCAYGVADPADEAQVDAMITACVAQYGEVNILAVTHGFNKPQNILEQSVADWQYIMDADCKSVYVVCKYVAQ
QMVDQGKGGKIVVVTSQRSKRGMAGYTGYCTSKGGADLMVSSMACDLSAKYGINVNSICPTVFRSDLTEWMFDPESAVYQ
NFLKREPIGRLAEPEDFVGYALFLSSDASNYITGANCDCSGGYLTC
;
B
#
# COMPACT_ATOMS: atom_id res chain seq x y z
N MET A 23 18.65 16.84 -14.26
CA MET A 23 18.12 16.75 -12.88
C MET A 23 17.15 15.59 -12.72
N VAL A 24 17.21 14.90 -11.59
CA VAL A 24 16.33 13.76 -11.28
C VAL A 24 14.89 14.26 -11.31
N ASN A 25 13.99 13.49 -11.91
CA ASN A 25 12.60 13.84 -12.08
C ASN A 25 11.72 13.54 -10.84
N VAL A 26 11.95 14.29 -9.77
CA VAL A 26 11.13 14.27 -8.54
C VAL A 26 11.29 15.62 -7.88
N LYS A 27 10.18 16.21 -7.38
CA LYS A 27 10.23 17.55 -6.78
C LYS A 27 10.16 17.50 -5.27
N LYS A 28 10.94 18.34 -4.60
CA LYS A 28 10.92 18.39 -3.13
C LYS A 28 9.56 18.77 -2.59
N GLU A 29 8.89 19.72 -3.24
CA GLU A 29 7.55 20.18 -2.84
C GLU A 29 6.58 19.02 -2.91
N PHE A 30 6.76 18.15 -3.93
CA PHE A 30 5.90 16.97 -4.02
C PHE A 30 6.15 16.04 -2.83
N VAL A 31 7.42 15.68 -2.58
CA VAL A 31 7.78 14.78 -1.49
C VAL A 31 7.36 15.31 -0.10
N ASP A 32 7.61 16.60 0.18
CA ASP A 32 7.25 17.19 1.47
C ASP A 32 5.75 17.16 1.77
N ASN A 33 4.89 17.26 0.75
CA ASN A 33 3.46 17.35 0.98
C ASN A 33 2.64 16.19 0.48
N MET A 34 3.27 15.13 -0.06
CA MET A 34 2.51 14.06 -0.70
C MET A 34 1.56 13.31 0.21
N PHE A 35 1.90 13.17 1.50
CA PHE A 35 1.02 12.41 2.40
C PHE A 35 -0.08 13.28 3.05
N SER A 36 -0.17 14.53 2.68
CA SER A 36 -1.11 15.44 3.33
C SER A 36 -2.57 15.20 3.01
N VAL A 37 -3.43 15.34 4.03
CA VAL A 37 -4.90 15.31 3.85
C VAL A 37 -5.44 16.62 4.47
N LYS A 38 -4.53 17.56 4.78
CA LYS A 38 -4.88 18.81 5.42
C LYS A 38 -5.88 19.60 4.56
N GLY A 39 -6.97 20.04 5.20
CA GLY A 39 -8.04 20.82 4.57
C GLY A 39 -8.98 20.00 3.72
N LYS A 40 -8.72 18.68 3.53
CA LYS A 40 -9.60 17.82 2.72
C LYS A 40 -10.80 17.40 3.57
N VAL A 41 -11.93 17.16 2.94
CA VAL A 41 -13.14 16.72 3.66
C VAL A 41 -13.19 15.21 3.53
N ALA A 42 -13.08 14.52 4.66
CA ALA A 42 -13.11 13.04 4.73
C ALA A 42 -14.45 12.60 5.31
N LEU A 43 -15.22 11.82 4.52
CA LEU A 43 -16.51 11.29 4.96
C LEU A 43 -16.21 9.85 5.39
N VAL A 44 -16.48 9.50 6.66
CA VAL A 44 -16.16 8.17 7.17
C VAL A 44 -17.44 7.44 7.55
N THR A 45 -17.73 6.27 6.92
CA THR A 45 -18.92 5.48 7.31
C THR A 45 -18.49 4.49 8.40
N GLY A 46 -19.46 3.98 9.15
CA GLY A 46 -19.20 3.09 10.29
C GLY A 46 -18.32 3.80 11.31
N ALA A 47 -18.48 5.13 11.42
CA ALA A 47 -17.61 5.99 12.22
C ALA A 47 -17.56 5.65 13.71
N THR A 48 -18.58 4.96 14.25
CA THR A 48 -18.59 4.62 15.67
C THR A 48 -17.96 3.26 15.96
N GLY A 49 -17.66 2.48 14.91
CA GLY A 49 -17.04 1.17 15.02
C GLY A 49 -15.57 1.24 15.43
N ALA A 50 -14.95 0.08 15.72
CA ALA A 50 -13.55 0.02 16.19
C ALA A 50 -12.59 0.68 15.23
N LEU A 51 -12.70 0.39 13.94
CA LEU A 51 -11.83 1.02 12.96
C LEU A 51 -12.32 2.42 12.57
N GLY A 52 -13.62 2.57 12.40
CA GLY A 52 -14.20 3.85 12.01
C GLY A 52 -13.85 5.00 12.94
N CYS A 53 -13.90 4.78 14.29
CA CYS A 53 -13.61 5.90 15.21
C CYS A 53 -12.14 6.29 15.16
N VAL A 54 -11.26 5.28 15.01
CA VAL A 54 -9.82 5.46 14.91
C VAL A 54 -9.45 6.18 13.62
N LEU A 55 -10.02 5.77 12.48
CA LEU A 55 -9.74 6.44 11.21
C LEU A 55 -10.27 7.86 11.27
N SER A 56 -11.50 8.06 11.80
CA SER A 56 -12.11 9.39 11.90
C SER A 56 -11.18 10.34 12.68
N LYS A 57 -10.70 9.91 13.83
CA LYS A 57 -9.79 10.75 14.62
C LYS A 57 -8.44 10.97 13.93
N ALA A 58 -7.88 9.91 13.27
CA ALA A 58 -6.62 10.02 12.54
C ALA A 58 -6.74 11.06 11.44
N TYR A 59 -7.82 11.04 10.64
CA TYR A 59 -8.03 12.09 9.62
C TYR A 59 -8.06 13.46 10.28
N GLY A 60 -8.74 13.58 11.42
CA GLY A 60 -8.84 14.84 12.16
C GLY A 60 -7.48 15.35 12.62
N TYR A 61 -6.67 14.45 13.23
CA TYR A 61 -5.32 14.79 13.69
C TYR A 61 -4.43 15.19 12.51
N ALA A 62 -4.69 14.62 11.31
CA ALA A 62 -3.94 14.93 10.10
C ALA A 62 -4.45 16.23 9.43
N GLY A 63 -5.44 16.90 10.04
CA GLY A 63 -5.91 18.19 9.54
C GLY A 63 -7.06 18.14 8.56
N ALA A 64 -7.67 16.98 8.35
CA ALA A 64 -8.84 16.92 7.48
C ALA A 64 -10.06 17.39 8.23
N LYS A 65 -11.08 17.82 7.47
CA LYS A 65 -12.40 18.15 8.03
C LYS A 65 -13.12 16.79 8.03
N VAL A 66 -13.63 16.34 9.18
CA VAL A 66 -14.18 14.99 9.26
C VAL A 66 -15.69 14.95 9.34
N PHE A 67 -16.34 14.25 8.41
CA PHE A 67 -17.79 14.07 8.50
C PHE A 67 -18.06 12.58 8.82
N MET A 68 -18.54 12.32 10.02
CA MET A 68 -18.77 10.96 10.48
C MET A 68 -20.19 10.53 10.25
N THR A 69 -20.37 9.29 9.79
CA THR A 69 -21.75 8.79 9.63
C THR A 69 -21.85 7.40 10.26
N GLY A 70 -23.03 7.08 10.74
CA GLY A 70 -23.34 5.82 11.37
C GLY A 70 -24.79 5.80 11.77
N ARG A 71 -25.25 4.74 12.41
CA ARG A 71 -26.65 4.67 12.78
C ARG A 71 -26.94 5.12 14.21
N ASN A 72 -25.91 5.14 15.07
CA ASN A 72 -26.07 5.47 16.48
C ASN A 72 -25.73 6.93 16.75
N GLU A 73 -26.76 7.77 16.89
CA GLU A 73 -26.59 9.20 17.15
C GLU A 73 -25.84 9.50 18.45
N LYS A 74 -26.14 8.80 19.56
CA LYS A 74 -25.45 9.06 20.85
C LYS A 74 -23.94 8.81 20.73
N LYS A 75 -23.55 7.71 20.06
CA LYS A 75 -22.13 7.40 19.87
C LYS A 75 -21.46 8.42 18.93
N LEU A 76 -22.16 8.92 17.89
CA LEU A 76 -21.60 9.95 16.99
C LEU A 76 -21.42 11.28 17.75
N GLN A 77 -22.40 11.62 18.61
CA GLN A 77 -22.32 12.84 19.42
C GLN A 77 -21.14 12.80 20.38
N ALA A 78 -20.89 11.63 20.99
CA ALA A 78 -19.77 11.44 21.92
C ALA A 78 -18.43 11.63 21.19
N LEU A 79 -18.31 11.08 19.98
CA LEU A 79 -17.10 11.25 19.17
C LEU A 79 -16.89 12.72 18.79
N GLU A 80 -17.94 13.39 18.31
CA GLU A 80 -17.88 14.79 17.92
C GLU A 80 -17.41 15.65 19.10
N ALA A 81 -17.94 15.41 20.32
CA ALA A 81 -17.53 16.17 21.52
C ALA A 81 -16.06 15.92 21.85
N GLU A 82 -15.61 14.65 21.81
CA GLU A 82 -14.20 14.28 22.05
C GLU A 82 -13.28 14.96 21.03
N PHE A 83 -13.63 14.90 19.74
CA PHE A 83 -12.76 15.48 18.71
C PHE A 83 -12.70 17.01 18.76
N LYS A 84 -13.86 17.65 18.99
CA LYS A 84 -13.89 19.13 19.09
C LYS A 84 -13.07 19.64 20.27
N ALA A 85 -13.00 18.87 21.37
CA ALA A 85 -12.21 19.21 22.57
C ALA A 85 -10.71 19.23 22.23
N GLU A 86 -10.32 18.58 21.10
CA GLU A 86 -8.93 18.53 20.63
C GLU A 86 -8.69 19.39 19.37
N GLY A 87 -9.64 20.28 19.07
CA GLY A 87 -9.53 21.19 17.94
C GLY A 87 -9.77 20.61 16.56
N ILE A 88 -10.34 19.39 16.49
CA ILE A 88 -10.67 18.74 15.20
C ILE A 88 -11.96 19.33 14.67
N ASP A 89 -12.00 19.68 13.36
CA ASP A 89 -13.20 20.22 12.72
C ASP A 89 -13.96 18.99 12.25
N CYS A 90 -15.09 18.68 12.89
CA CYS A 90 -15.87 17.51 12.55
C CYS A 90 -17.36 17.76 12.71
N ALA A 91 -18.15 16.85 12.11
CA ALA A 91 -19.60 16.90 12.17
C ALA A 91 -20.09 15.46 11.94
N TYR A 92 -21.38 15.23 12.14
CA TYR A 92 -21.92 13.90 11.91
C TYR A 92 -23.27 13.95 11.25
N GLY A 93 -23.65 12.83 10.66
CA GLY A 93 -24.96 12.65 10.05
C GLY A 93 -25.38 11.22 10.27
N VAL A 94 -26.60 11.01 10.77
CA VAL A 94 -27.13 9.67 11.03
C VAL A 94 -27.72 9.12 9.74
N ALA A 95 -27.34 7.89 9.38
CA ALA A 95 -27.87 7.25 8.18
C ALA A 95 -27.62 5.77 8.22
N ASP A 96 -28.57 5.01 7.67
CA ASP A 96 -28.38 3.57 7.43
C ASP A 96 -27.71 3.51 6.05
N PRO A 97 -26.45 3.03 5.95
CA PRO A 97 -25.73 3.05 4.64
C PRO A 97 -26.33 2.20 3.54
N ALA A 98 -27.28 1.30 3.89
CA ALA A 98 -27.96 0.49 2.87
C ALA A 98 -29.19 1.21 2.31
N ASP A 99 -29.53 2.39 2.86
CA ASP A 99 -30.73 3.13 2.46
C ASP A 99 -30.35 4.31 1.59
N GLU A 100 -30.57 4.22 0.27
CA GLU A 100 -30.26 5.27 -0.71
C GLU A 100 -30.75 6.64 -0.25
N ALA A 101 -32.04 6.75 0.18
CA ALA A 101 -32.60 8.05 0.56
C ALA A 101 -31.85 8.68 1.73
N GLN A 102 -31.50 7.85 2.74
CA GLN A 102 -30.78 8.36 3.91
C GLN A 102 -29.33 8.72 3.55
N VAL A 103 -28.71 7.94 2.65
CA VAL A 103 -27.33 8.25 2.22
C VAL A 103 -27.30 9.55 1.43
N ASP A 104 -28.27 9.73 0.52
CA ASP A 104 -28.38 10.94 -0.29
C ASP A 104 -28.50 12.19 0.63
N ALA A 105 -29.39 12.13 1.63
CA ALA A 105 -29.60 13.23 2.59
C ALA A 105 -28.35 13.50 3.43
N MET A 106 -27.63 12.43 3.81
CA MET A 106 -26.40 12.51 4.60
C MET A 106 -25.30 13.22 3.81
N ILE A 107 -25.11 12.86 2.52
CA ILE A 107 -24.13 13.54 1.65
C ILE A 107 -24.49 15.03 1.47
N THR A 108 -25.81 15.35 1.28
CA THR A 108 -26.27 16.74 1.18
C THR A 108 -25.86 17.51 2.45
N ALA A 109 -26.04 16.89 3.64
CA ALA A 109 -25.68 17.54 4.93
C ALA A 109 -24.14 17.75 5.02
N CYS A 110 -23.35 16.78 4.51
CA CYS A 110 -21.88 16.96 4.51
C CYS A 110 -21.48 18.11 3.59
N VAL A 111 -22.09 18.18 2.39
CA VAL A 111 -21.83 19.25 1.42
C VAL A 111 -22.25 20.62 1.97
N ALA A 112 -23.39 20.68 2.69
CA ALA A 112 -23.87 21.91 3.30
C ALA A 112 -22.88 22.40 4.39
N GLN A 113 -22.32 21.47 5.16
CA GLN A 113 -21.40 21.79 6.25
C GLN A 113 -20.01 22.20 5.72
N TYR A 114 -19.47 21.45 4.76
CA TYR A 114 -18.07 21.61 4.34
C TYR A 114 -17.82 22.01 2.88
N GLY A 115 -18.87 22.05 2.07
CA GLY A 115 -18.80 22.47 0.67
C GLY A 115 -18.53 21.39 -0.35
N GLU A 116 -17.97 20.25 0.09
CA GLU A 116 -17.57 19.19 -0.83
C GLU A 116 -17.23 17.90 -0.08
N VAL A 117 -16.96 16.83 -0.85
CA VAL A 117 -16.45 15.58 -0.27
C VAL A 117 -15.21 15.24 -1.10
N ASN A 118 -14.05 15.06 -0.44
CA ASN A 118 -12.78 14.75 -1.12
C ASN A 118 -12.31 13.34 -0.92
N ILE A 119 -12.59 12.80 0.25
CA ILE A 119 -12.15 11.45 0.63
C ILE A 119 -13.36 10.72 1.20
N LEU A 120 -13.52 9.45 0.85
CA LEU A 120 -14.52 8.57 1.43
C LEU A 120 -13.81 7.35 1.99
N ALA A 121 -14.04 7.04 3.29
CA ALA A 121 -13.52 5.83 3.93
C ALA A 121 -14.71 5.01 4.37
N VAL A 122 -14.90 3.82 3.76
CA VAL A 122 -16.06 2.96 4.03
C VAL A 122 -15.63 1.89 5.03
N THR A 123 -16.09 1.98 6.29
CA THR A 123 -15.66 1.05 7.35
C THR A 123 -16.79 0.27 7.99
N HIS A 124 -18.04 0.52 7.62
CA HIS A 124 -19.17 -0.17 8.24
C HIS A 124 -19.25 -1.60 7.80
N GLY A 125 -20.07 -2.38 8.49
CA GLY A 125 -20.27 -3.74 8.05
C GLY A 125 -21.08 -4.54 9.04
N PHE A 126 -21.24 -5.82 8.75
CA PHE A 126 -22.01 -6.73 9.58
C PHE A 126 -21.60 -8.15 9.28
N ASN A 127 -21.59 -9.00 10.30
CA ASN A 127 -21.36 -10.41 10.10
C ASN A 127 -22.15 -11.18 11.14
N LYS A 128 -22.53 -12.41 10.77
CA LYS A 128 -23.19 -13.35 11.68
C LYS A 128 -22.82 -14.74 11.13
N PRO A 129 -21.63 -15.27 11.48
CA PRO A 129 -21.23 -16.58 10.93
C PRO A 129 -22.21 -17.70 11.24
N GLN A 130 -22.46 -18.56 10.23
CA GLN A 130 -23.36 -19.70 10.33
C GLN A 130 -23.15 -20.60 9.14
N ASN A 131 -23.12 -21.91 9.40
CA ASN A 131 -22.92 -22.92 8.33
C ASN A 131 -24.06 -22.75 7.30
N ILE A 132 -23.76 -22.99 6.02
CA ILE A 132 -24.77 -22.90 4.94
C ILE A 132 -26.03 -23.75 5.23
N LEU A 133 -25.84 -24.93 5.83
CA LEU A 133 -26.97 -25.83 6.10
C LEU A 133 -27.97 -25.22 7.11
N GLU A 134 -27.48 -24.40 8.03
CA GLU A 134 -28.28 -23.78 9.09
C GLU A 134 -28.61 -22.30 8.80
N GLN A 135 -28.00 -21.71 7.77
CA GLN A 135 -28.21 -20.32 7.45
C GLN A 135 -29.29 -20.16 6.38
N SER A 136 -30.40 -19.51 6.76
CA SER A 136 -31.50 -19.32 5.82
C SER A 136 -31.08 -18.36 4.71
N VAL A 137 -31.81 -18.41 3.59
CA VAL A 137 -31.59 -17.48 2.47
C VAL A 137 -31.78 -16.04 3.00
N ALA A 138 -32.80 -15.82 3.87
CA ALA A 138 -33.04 -14.48 4.45
C ALA A 138 -31.84 -14.01 5.30
N ASP A 139 -31.23 -14.91 6.09
CA ASP A 139 -30.04 -14.55 6.89
C ASP A 139 -28.83 -14.23 6.01
N TRP A 140 -28.65 -15.01 4.92
CA TRP A 140 -27.57 -14.71 3.98
C TRP A 140 -27.82 -13.35 3.34
N GLN A 141 -29.06 -13.08 2.90
CA GLN A 141 -29.44 -11.82 2.28
C GLN A 141 -29.23 -10.61 3.24
N TYR A 142 -29.48 -10.82 4.53
CA TYR A 142 -29.31 -9.78 5.54
C TYR A 142 -27.85 -9.33 5.58
N ILE A 143 -26.91 -10.29 5.52
CA ILE A 143 -25.48 -9.93 5.50
C ILE A 143 -25.16 -9.21 4.20
N MET A 144 -25.67 -9.72 3.08
CA MET A 144 -25.39 -9.08 1.78
C MET A 144 -25.91 -7.65 1.73
N ASP A 145 -27.12 -7.38 2.26
CA ASP A 145 -27.68 -6.03 2.26
C ASP A 145 -26.87 -5.09 3.17
N THR A 146 -26.59 -5.54 4.40
CA THR A 146 -25.88 -4.72 5.37
C THR A 146 -24.42 -4.50 5.07
N ASP A 147 -23.76 -5.53 4.51
CA ASP A 147 -22.32 -5.48 4.27
C ASP A 147 -21.87 -5.23 2.84
N CYS A 148 -22.69 -5.54 1.82
CA CYS A 148 -22.31 -5.44 0.41
C CYS A 148 -23.11 -4.34 -0.34
N LYS A 149 -24.44 -4.45 -0.34
CA LYS A 149 -25.30 -3.45 -1.00
C LYS A 149 -24.96 -2.05 -0.47
N SER A 150 -24.74 -1.94 0.84
CA SER A 150 -24.42 -0.63 1.47
C SER A 150 -23.12 0.00 0.92
N VAL A 151 -22.14 -0.81 0.51
CA VAL A 151 -20.90 -0.33 -0.11
C VAL A 151 -21.26 0.22 -1.46
N TYR A 152 -22.10 -0.51 -2.23
CA TYR A 152 -22.49 0.03 -3.56
C TYR A 152 -23.22 1.38 -3.38
N VAL A 153 -24.18 1.45 -2.45
CA VAL A 153 -24.98 2.67 -2.26
C VAL A 153 -24.06 3.86 -1.92
N VAL A 154 -23.21 3.70 -0.91
CA VAL A 154 -22.35 4.81 -0.49
C VAL A 154 -21.36 5.21 -1.58
N CYS A 155 -20.70 4.23 -2.22
CA CYS A 155 -19.76 4.54 -3.29
C CYS A 155 -20.43 5.22 -4.47
N LYS A 156 -21.59 4.74 -4.88
CA LYS A 156 -22.30 5.34 -6.04
C LYS A 156 -22.65 6.80 -5.77
N TYR A 157 -23.24 7.08 -4.61
CA TYR A 157 -23.69 8.44 -4.27
C TYR A 157 -22.53 9.40 -4.01
N VAL A 158 -21.48 8.93 -3.34
CA VAL A 158 -20.33 9.79 -3.13
C VAL A 158 -19.58 9.99 -4.48
N ALA A 159 -19.40 8.92 -5.27
CA ALA A 159 -18.73 9.10 -6.59
C ALA A 159 -19.48 10.12 -7.41
N GLN A 160 -20.82 10.06 -7.41
CA GLN A 160 -21.63 11.03 -8.17
C GLN A 160 -21.35 12.47 -7.67
N GLN A 161 -21.22 12.65 -6.35
CA GLN A 161 -20.90 13.97 -5.78
C GLN A 161 -19.50 14.41 -6.23
N MET A 162 -18.51 13.48 -6.23
CA MET A 162 -17.16 13.81 -6.66
C MET A 162 -17.15 14.18 -8.14
N VAL A 163 -17.94 13.46 -8.97
CA VAL A 163 -18.05 13.79 -10.40
C VAL A 163 -18.62 15.21 -10.57
N ASP A 164 -19.72 15.51 -9.85
CA ASP A 164 -20.39 16.82 -9.86
C ASP A 164 -19.41 17.95 -9.52
N GLN A 165 -18.48 17.71 -8.56
CA GLN A 165 -17.49 18.69 -8.11
C GLN A 165 -16.41 18.94 -9.17
N GLY A 166 -16.04 17.91 -9.92
CA GLY A 166 -15.02 18.00 -10.98
C GLY A 166 -13.57 18.11 -10.53
N LYS A 167 -13.26 17.71 -9.28
CA LYS A 167 -11.91 17.83 -8.73
C LYS A 167 -11.29 16.47 -8.39
N GLY A 168 -11.88 15.38 -8.87
CA GLY A 168 -11.39 14.05 -8.54
C GLY A 168 -11.71 13.70 -7.09
N GLY A 169 -11.05 12.70 -6.56
CA GLY A 169 -11.29 12.30 -5.18
C GLY A 169 -10.68 10.96 -4.88
N LYS A 170 -10.82 10.52 -3.65
CA LYS A 170 -10.25 9.25 -3.17
C LYS A 170 -11.31 8.45 -2.46
N ILE A 171 -11.42 7.16 -2.79
CA ILE A 171 -12.34 6.28 -2.10
C ILE A 171 -11.51 5.11 -1.57
N VAL A 172 -11.67 4.80 -0.28
CA VAL A 172 -10.97 3.70 0.40
C VAL A 172 -12.05 2.83 1.03
N VAL A 173 -12.19 1.59 0.53
CA VAL A 173 -13.20 0.68 1.07
C VAL A 173 -12.49 -0.32 1.97
N VAL A 174 -12.92 -0.46 3.21
CA VAL A 174 -12.30 -1.46 4.07
C VAL A 174 -13.03 -2.78 3.85
N THR A 175 -12.34 -3.78 3.27
CA THR A 175 -12.95 -5.08 3.06
C THR A 175 -12.45 -5.98 4.19
N SER A 176 -11.67 -7.02 3.84
CA SER A 176 -11.14 -7.97 4.82
C SER A 176 -10.23 -8.93 4.09
N GLN A 177 -9.34 -9.61 4.82
CA GLN A 177 -8.56 -10.68 4.18
C GLN A 177 -9.53 -11.82 3.73
N ARG A 178 -10.76 -11.82 4.30
CA ARG A 178 -11.84 -12.75 3.92
C ARG A 178 -12.38 -12.47 2.51
N SER A 179 -11.94 -11.36 1.87
CA SER A 179 -12.31 -11.05 0.48
C SER A 179 -11.51 -11.98 -0.47
N LYS A 180 -10.43 -12.61 0.04
CA LYS A 180 -9.57 -13.50 -0.76
C LYS A 180 -9.44 -14.92 -0.23
N ARG A 181 -9.91 -15.20 1.00
CA ARG A 181 -9.79 -16.54 1.56
C ARG A 181 -11.13 -16.89 2.21
N GLY A 182 -11.69 -18.04 1.87
CA GLY A 182 -12.95 -18.47 2.45
C GLY A 182 -12.79 -18.91 3.90
N MET A 183 -13.91 -19.20 4.57
CA MET A 183 -13.85 -19.63 5.97
C MET A 183 -15.14 -20.33 6.28
N ALA A 184 -15.08 -21.37 7.12
CA ALA A 184 -16.29 -22.09 7.56
C ALA A 184 -17.23 -21.08 8.22
N GLY A 185 -18.51 -21.12 7.85
CA GLY A 185 -19.56 -20.25 8.41
C GLY A 185 -19.65 -18.89 7.75
N TYR A 186 -18.72 -18.59 6.80
CA TYR A 186 -18.66 -17.27 6.18
C TYR A 186 -19.25 -17.19 4.77
N THR A 187 -20.22 -18.06 4.40
CA THR A 187 -20.79 -17.90 3.04
C THR A 187 -21.40 -16.51 2.84
N GLY A 188 -21.89 -15.86 3.90
CA GLY A 188 -22.41 -14.49 3.74
C GLY A 188 -21.31 -13.46 3.62
N TYR A 189 -20.47 -13.37 4.66
CA TYR A 189 -19.38 -12.38 4.74
C TYR A 189 -18.35 -12.52 3.63
N CYS A 190 -17.95 -13.77 3.28
CA CYS A 190 -16.97 -13.94 2.19
C CYS A 190 -17.57 -13.56 0.86
N THR A 191 -18.86 -13.85 0.63
CA THR A 191 -19.48 -13.42 -0.63
C THR A 191 -19.47 -11.88 -0.69
N SER A 192 -19.86 -11.24 0.42
CA SER A 192 -19.91 -9.77 0.49
C SER A 192 -18.51 -9.14 0.30
N LYS A 193 -17.47 -9.67 0.96
CA LYS A 193 -16.14 -9.06 0.87
C LYS A 193 -15.46 -9.40 -0.44
N GLY A 194 -15.61 -10.65 -0.88
CA GLY A 194 -15.07 -11.11 -2.16
C GLY A 194 -15.68 -10.25 -3.28
N GLY A 195 -16.98 -10.02 -3.18
CA GLY A 195 -17.68 -9.17 -4.14
C GLY A 195 -17.22 -7.73 -4.10
N ALA A 196 -17.06 -7.16 -2.88
CA ALA A 196 -16.65 -5.75 -2.72
C ALA A 196 -15.28 -5.48 -3.31
N ASP A 197 -14.33 -6.44 -3.19
CA ASP A 197 -13.00 -6.27 -3.80
C ASP A 197 -13.12 -6.09 -5.33
N LEU A 198 -13.99 -6.89 -5.96
CA LEU A 198 -14.23 -6.79 -7.41
C LEU A 198 -15.04 -5.57 -7.78
N MET A 199 -15.96 -5.18 -6.90
CA MET A 199 -16.74 -3.96 -7.13
C MET A 199 -15.73 -2.77 -7.16
N VAL A 200 -14.76 -2.74 -6.23
CA VAL A 200 -13.71 -1.70 -6.20
C VAL A 200 -12.90 -1.66 -7.50
N SER A 201 -12.40 -2.81 -7.97
CA SER A 201 -11.65 -2.84 -9.26
C SER A 201 -12.52 -2.36 -10.43
N SER A 202 -13.79 -2.73 -10.44
CA SER A 202 -14.69 -2.32 -11.53
C SER A 202 -15.03 -0.81 -11.44
N MET A 203 -15.22 -0.31 -10.21
CA MET A 203 -15.43 1.13 -9.99
C MET A 203 -14.23 1.94 -10.47
N ALA A 204 -12.98 1.45 -10.22
CA ALA A 204 -11.79 2.12 -10.74
C ALA A 204 -11.84 2.15 -12.27
N CYS A 205 -12.27 1.05 -12.93
CA CYS A 205 -12.44 1.04 -14.41
C CYS A 205 -13.49 2.08 -14.86
N ASP A 206 -14.56 2.25 -14.08
CA ASP A 206 -15.62 3.21 -14.41
C ASP A 206 -15.24 4.66 -14.17
N LEU A 207 -14.38 4.94 -13.18
CA LEU A 207 -14.16 6.32 -12.70
C LEU A 207 -12.79 6.95 -12.75
N SER A 208 -11.73 6.15 -12.61
CA SER A 208 -10.40 6.75 -12.41
C SER A 208 -9.86 7.55 -13.58
N ALA A 209 -9.89 7.00 -14.79
CA ALA A 209 -9.31 7.70 -15.96
C ALA A 209 -10.10 8.94 -16.31
N LYS A 210 -11.43 8.82 -16.35
CA LYS A 210 -12.30 9.91 -16.79
C LYS A 210 -12.45 11.03 -15.75
N TYR A 211 -12.56 10.67 -14.46
CA TYR A 211 -12.90 11.64 -13.42
C TYR A 211 -11.84 11.88 -12.37
N GLY A 212 -10.73 11.15 -12.40
CA GLY A 212 -9.67 11.34 -11.42
C GLY A 212 -10.06 10.88 -10.02
N ILE A 213 -10.96 9.87 -9.96
CA ILE A 213 -11.40 9.32 -8.67
C ILE A 213 -10.69 7.97 -8.50
N ASN A 214 -9.75 7.88 -7.54
CA ASN A 214 -9.06 6.60 -7.27
C ASN A 214 -9.95 5.82 -6.32
N VAL A 215 -10.06 4.52 -6.54
CA VAL A 215 -10.91 3.65 -5.70
C VAL A 215 -10.07 2.43 -5.35
N ASN A 216 -9.83 2.21 -4.07
CA ASN A 216 -9.03 1.10 -3.60
C ASN A 216 -9.65 0.46 -2.38
N SER A 217 -9.26 -0.79 -2.07
CA SER A 217 -9.70 -1.39 -0.82
C SER A 217 -8.49 -1.74 0.02
N ILE A 218 -8.71 -1.92 1.33
CA ILE A 218 -7.70 -2.45 2.26
C ILE A 218 -8.31 -3.71 2.83
N CYS A 219 -7.49 -4.77 2.98
CA CYS A 219 -7.91 -6.10 3.38
C CYS A 219 -7.28 -6.46 4.72
N PRO A 220 -7.89 -6.03 5.82
CA PRO A 220 -7.27 -6.30 7.12
C PRO A 220 -7.50 -7.69 7.66
N THR A 221 -6.60 -8.08 8.56
CA THR A 221 -6.77 -9.28 9.36
C THR A 221 -7.66 -8.86 10.56
N VAL A 222 -7.88 -9.78 11.50
CA VAL A 222 -8.72 -9.49 12.66
C VAL A 222 -8.05 -8.59 13.69
N PHE A 223 -8.87 -7.89 14.47
CA PHE A 223 -8.33 -7.09 15.58
C PHE A 223 -8.16 -7.94 16.83
N ARG A 224 -7.08 -7.68 17.60
CA ARG A 224 -6.80 -8.38 18.84
C ARG A 224 -8.01 -8.32 19.78
N SER A 225 -8.64 -7.13 19.88
CA SER A 225 -9.80 -6.91 20.75
C SER A 225 -11.02 -7.77 20.38
N ASP A 226 -11.17 -8.16 19.09
CA ASP A 226 -12.29 -8.99 18.64
C ASP A 226 -12.22 -10.42 19.23
N LEU A 227 -11.03 -10.87 19.67
CA LEU A 227 -10.79 -12.24 20.13
C LEU A 227 -10.47 -12.40 21.61
N THR A 228 -10.33 -11.28 22.34
CA THR A 228 -9.97 -11.27 23.77
C THR A 228 -10.95 -12.04 24.65
N GLU A 229 -12.22 -12.19 24.20
CA GLU A 229 -13.29 -12.88 24.91
C GLU A 229 -12.97 -14.36 25.21
N TRP A 230 -12.62 -15.13 24.15
CA TRP A 230 -12.33 -16.56 24.24
C TRP A 230 -10.81 -16.87 24.33
N MET A 231 -9.99 -15.83 24.52
CA MET A 231 -8.52 -15.88 24.62
C MET A 231 -8.02 -16.81 25.73
N PHE A 232 -8.75 -16.86 26.86
CA PHE A 232 -8.40 -17.68 28.03
C PHE A 232 -9.04 -19.08 28.03
N ASP A 233 -9.92 -19.40 27.03
CA ASP A 233 -10.62 -20.69 26.91
C ASP A 233 -9.76 -21.73 26.14
N PRO A 234 -9.21 -22.76 26.83
CA PRO A 234 -8.38 -23.78 26.14
C PRO A 234 -9.10 -24.54 25.04
N GLU A 235 -10.44 -24.61 25.11
CA GLU A 235 -11.28 -25.27 24.10
C GLU A 235 -11.32 -24.54 22.76
N SER A 236 -10.94 -23.23 22.75
CA SER A 236 -10.97 -22.42 21.53
C SER A 236 -9.60 -22.36 20.85
N ALA A 237 -9.58 -22.64 19.55
CA ALA A 237 -8.35 -22.62 18.75
C ALA A 237 -8.24 -21.32 17.98
N VAL A 238 -9.27 -20.43 18.01
CA VAL A 238 -9.33 -19.26 17.14
C VAL A 238 -8.08 -18.39 17.23
N TYR A 239 -7.75 -17.95 18.45
CA TYR A 239 -6.61 -17.05 18.68
C TYR A 239 -5.33 -17.66 18.14
N GLN A 240 -5.05 -18.92 18.50
CA GLN A 240 -3.84 -19.57 17.99
C GLN A 240 -3.86 -19.84 16.48
N ASN A 241 -5.05 -20.12 15.90
CA ASN A 241 -5.19 -20.35 14.45
C ASN A 241 -4.67 -19.15 13.67
N PHE A 242 -5.05 -17.94 14.13
CA PHE A 242 -4.61 -16.66 13.52
C PHE A 242 -3.13 -16.44 13.83
N LEU A 243 -2.70 -16.56 15.10
CA LEU A 243 -1.29 -16.32 15.44
C LEU A 243 -0.31 -17.16 14.64
N LYS A 244 -0.61 -18.44 14.40
CA LYS A 244 0.23 -19.33 13.57
C LYS A 244 0.34 -18.77 12.14
N ARG A 245 -0.65 -18.00 11.70
CA ARG A 245 -0.72 -17.49 10.32
C ARG A 245 -0.40 -15.99 10.27
N GLU A 246 0.31 -15.44 11.28
CA GLU A 246 0.64 -14.01 11.26
C GLU A 246 2.15 -13.80 11.31
N PRO A 247 2.82 -13.77 10.13
CA PRO A 247 4.27 -13.50 10.08
C PRO A 247 4.70 -12.24 10.85
N ILE A 248 3.83 -11.23 10.93
CA ILE A 248 4.12 -9.99 11.69
C ILE A 248 4.27 -10.28 13.19
N GLY A 249 3.67 -11.36 13.68
CA GLY A 249 3.87 -11.83 15.06
C GLY A 249 2.85 -11.42 16.09
N ARG A 250 1.77 -10.76 15.66
CA ARG A 250 0.73 -10.31 16.59
C ARG A 250 -0.55 -10.02 15.83
N LEU A 251 -1.70 -9.98 16.55
CA LEU A 251 -2.96 -9.59 15.92
C LEU A 251 -2.94 -8.04 15.77
N ALA A 252 -3.82 -7.52 14.93
CA ALA A 252 -3.89 -6.11 14.60
C ALA A 252 -4.63 -5.26 15.63
N GLU A 253 -4.33 -3.95 15.64
CA GLU A 253 -5.04 -2.91 16.37
C GLU A 253 -5.60 -1.99 15.25
N PRO A 254 -6.77 -1.31 15.43
CA PRO A 254 -7.25 -0.38 14.37
C PRO A 254 -6.19 0.65 13.94
N GLU A 255 -5.38 1.15 14.90
CA GLU A 255 -4.33 2.14 14.58
C GLU A 255 -3.30 1.62 13.58
N ASP A 256 -3.17 0.27 13.44
CA ASP A 256 -2.23 -0.33 12.48
C ASP A 256 -2.61 -0.07 11.02
N PHE A 257 -3.86 0.38 10.74
CA PHE A 257 -4.35 0.58 9.38
C PHE A 257 -4.55 2.03 9.04
N VAL A 258 -4.30 2.95 10.00
CA VAL A 258 -4.45 4.38 9.71
C VAL A 258 -3.43 4.84 8.67
N GLY A 259 -2.19 4.34 8.72
CA GLY A 259 -1.17 4.71 7.73
C GLY A 259 -1.61 4.36 6.32
N TYR A 260 -2.08 3.12 6.11
CA TYR A 260 -2.51 2.69 4.77
C TYR A 260 -3.71 3.51 4.34
N ALA A 261 -4.66 3.71 5.24
CA ALA A 261 -5.87 4.48 4.84
C ALA A 261 -5.49 5.91 4.44
N LEU A 262 -4.64 6.59 5.24
CA LEU A 262 -4.25 7.97 4.88
C LEU A 262 -3.38 8.02 3.62
N PHE A 263 -2.52 7.02 3.43
CA PHE A 263 -1.72 6.92 2.21
C PHE A 263 -2.64 6.87 0.98
N LEU A 264 -3.65 5.99 1.00
CA LEU A 264 -4.62 5.84 -0.09
C LEU A 264 -5.60 7.02 -0.24
N SER A 265 -5.53 7.97 0.69
CA SER A 265 -6.40 9.16 0.68
C SER A 265 -5.60 10.43 0.29
N SER A 266 -4.31 10.27 -0.02
CA SER A 266 -3.41 11.38 -0.30
C SER A 266 -2.80 11.36 -1.70
N ASP A 267 -2.10 12.45 -2.08
CA ASP A 267 -1.42 12.55 -3.38
C ASP A 267 -0.34 11.50 -3.57
N ALA A 268 0.17 10.95 -2.45
CA ALA A 268 1.23 9.94 -2.46
C ALA A 268 0.80 8.68 -3.20
N SER A 269 -0.55 8.47 -3.34
CA SER A 269 -1.11 7.29 -4.02
C SER A 269 -1.91 7.65 -5.30
N ASN A 270 -1.60 8.80 -5.93
CA ASN A 270 -2.31 9.25 -7.14
C ASN A 270 -2.36 8.24 -8.29
N TYR A 271 -1.34 7.38 -8.41
CA TYR A 271 -1.31 6.40 -9.50
C TYR A 271 -2.06 5.10 -9.13
N ILE A 272 -2.31 4.90 -7.82
CA ILE A 272 -2.86 3.67 -7.29
C ILE A 272 -4.37 3.66 -7.40
N THR A 273 -4.90 2.70 -8.16
CA THR A 273 -6.36 2.56 -8.28
C THR A 273 -6.72 1.12 -8.56
N GLY A 274 -7.92 0.74 -8.15
CA GLY A 274 -8.46 -0.61 -8.29
C GLY A 274 -7.72 -1.69 -7.53
N ALA A 275 -6.85 -1.31 -6.57
CA ALA A 275 -6.05 -2.25 -5.81
C ALA A 275 -6.81 -2.77 -4.62
N ASN A 276 -6.47 -3.99 -4.17
CA ASN A 276 -7.03 -4.59 -2.94
C ASN A 276 -5.82 -4.82 -2.06
N CYS A 277 -5.51 -3.81 -1.22
CA CYS A 277 -4.28 -3.73 -0.44
C CYS A 277 -4.23 -4.68 0.75
N ASP A 278 -3.13 -5.38 0.86
CA ASP A 278 -2.89 -6.41 1.86
C ASP A 278 -2.54 -5.80 3.23
N CYS A 279 -3.50 -5.79 4.17
CA CYS A 279 -3.34 -5.33 5.55
C CYS A 279 -3.46 -6.54 6.48
N SER A 280 -2.99 -7.70 6.02
CA SER A 280 -3.17 -8.94 6.74
C SER A 280 -2.03 -9.32 7.69
N GLY A 281 -0.92 -8.55 7.66
CA GLY A 281 0.26 -8.88 8.48
C GLY A 281 0.96 -10.15 8.03
N GLY A 282 0.72 -10.54 6.77
CA GLY A 282 1.31 -11.73 6.15
C GLY A 282 0.39 -12.93 6.10
N TYR A 283 -0.81 -12.83 6.67
CA TYR A 283 -1.77 -13.94 6.69
C TYR A 283 -2.10 -14.32 5.23
N LEU A 284 -2.22 -13.32 4.37
CA LEU A 284 -2.54 -13.62 2.98
C LEU A 284 -1.41 -14.28 2.19
N THR A 285 -0.16 -14.06 2.61
CA THR A 285 0.97 -14.57 1.82
C THR A 285 1.78 -15.67 2.46
N CYS A 286 1.25 -16.36 3.49
CA CYS A 286 1.93 -17.51 4.10
C CYS A 286 0.97 -18.73 4.23
N MET B 23 -11.29 7.40 25.57
CA MET B 23 -10.62 8.07 24.45
C MET B 23 -10.33 7.10 23.30
N VAL B 24 -10.48 7.58 22.06
CA VAL B 24 -10.22 6.77 20.87
C VAL B 24 -8.76 6.33 20.90
N ASN B 25 -8.49 5.06 20.56
CA ASN B 25 -7.14 4.49 20.60
C ASN B 25 -6.26 4.82 19.40
N VAL B 26 -5.91 6.10 19.25
CA VAL B 26 -4.96 6.59 18.26
C VAL B 26 -4.35 7.85 18.82
N LYS B 27 -3.02 8.02 18.69
CA LYS B 27 -2.32 9.19 19.26
C LYS B 27 -1.95 10.21 18.20
N LYS B 28 -2.06 11.50 18.55
CA LYS B 28 -1.71 12.60 17.65
C LYS B 28 -0.25 12.53 17.23
N GLU B 29 0.65 12.22 18.20
CA GLU B 29 2.08 12.12 17.93
C GLU B 29 2.34 11.04 16.91
N PHE B 30 1.57 9.93 16.99
CA PHE B 30 1.72 8.85 16.04
C PHE B 30 1.33 9.33 14.64
N VAL B 31 0.12 9.88 14.50
CA VAL B 31 -0.37 10.35 13.20
C VAL B 31 0.53 11.43 12.57
N ASP B 32 0.93 12.43 13.34
CA ASP B 32 1.77 13.49 12.79
C ASP B 32 3.14 13.00 12.23
N ASN B 33 3.73 11.96 12.85
CA ASN B 33 5.07 11.53 12.46
C ASN B 33 5.13 10.17 11.79
N MET B 34 3.98 9.52 11.52
CA MET B 34 4.03 8.13 11.04
C MET B 34 4.71 7.96 9.69
N PHE B 35 4.63 8.95 8.81
CA PHE B 35 5.25 8.79 7.48
C PHE B 35 6.71 9.22 7.42
N SER B 36 7.28 9.61 8.55
CA SER B 36 8.65 10.12 8.54
C SER B 36 9.73 9.09 8.27
N VAL B 37 10.75 9.51 7.51
CA VAL B 37 11.97 8.71 7.32
C VAL B 37 13.16 9.60 7.73
N LYS B 38 12.86 10.73 8.37
CA LYS B 38 13.88 11.70 8.77
C LYS B 38 14.92 11.07 9.70
N GLY B 39 16.20 11.26 9.35
CA GLY B 39 17.34 10.75 10.11
C GLY B 39 17.62 9.27 9.90
N LYS B 40 16.77 8.55 9.13
CA LYS B 40 16.95 7.12 8.88
C LYS B 40 17.98 6.93 7.77
N VAL B 41 18.71 5.82 7.80
CA VAL B 41 19.68 5.57 6.76
C VAL B 41 19.03 4.66 5.73
N ALA B 42 18.90 5.15 4.50
CA ALA B 42 18.27 4.40 3.39
C ALA B 42 19.33 3.97 2.37
N LEU B 43 19.49 2.66 2.17
CA LEU B 43 20.44 2.10 1.22
C LEU B 43 19.63 1.75 -0.03
N VAL B 44 19.96 2.37 -1.16
CA VAL B 44 19.17 2.15 -2.40
C VAL B 44 20.06 1.45 -3.44
N THR B 45 19.66 0.24 -3.91
CA THR B 45 20.39 -0.46 -4.97
C THR B 45 19.81 -0.01 -6.32
N GLY B 46 20.60 -0.16 -7.39
CA GLY B 46 20.20 0.27 -8.72
C GLY B 46 19.97 1.77 -8.73
N ALA B 47 20.76 2.50 -7.89
CA ALA B 47 20.56 3.92 -7.64
C ALA B 47 20.67 4.81 -8.86
N THR B 48 21.35 4.35 -9.92
CA THR B 48 21.50 5.20 -11.12
C THR B 48 20.42 4.96 -12.16
N GLY B 49 19.58 3.95 -11.95
CA GLY B 49 18.47 3.60 -12.83
C GLY B 49 17.29 4.56 -12.71
N ALA B 50 16.31 4.45 -13.61
CA ALA B 50 15.16 5.35 -13.67
C ALA B 50 14.42 5.48 -12.34
N LEU B 51 14.12 4.34 -11.71
CA LEU B 51 13.43 4.39 -10.42
C LEU B 51 14.41 4.64 -9.29
N GLY B 52 15.58 4.00 -9.34
CA GLY B 52 16.57 4.16 -8.29
C GLY B 52 16.99 5.59 -8.03
N CYS B 53 17.21 6.40 -9.08
CA CYS B 53 17.68 7.79 -8.85
C CYS B 53 16.57 8.65 -8.22
N VAL B 54 15.32 8.40 -8.65
CA VAL B 54 14.14 9.08 -8.15
C VAL B 54 13.89 8.70 -6.69
N LEU B 55 13.93 7.41 -6.36
CA LEU B 55 13.72 6.99 -4.97
C LEU B 55 14.84 7.54 -4.09
N SER B 56 16.10 7.48 -4.56
CA SER B 56 17.23 7.99 -3.76
C SER B 56 17.00 9.46 -3.42
N LYS B 57 16.67 10.28 -4.44
CA LYS B 57 16.43 11.70 -4.18
C LYS B 57 15.22 11.93 -3.27
N ALA B 58 14.13 11.15 -3.46
CA ALA B 58 12.92 11.27 -2.62
C ALA B 58 13.27 10.98 -1.17
N TYR B 59 14.03 9.91 -0.87
CA TYR B 59 14.47 9.65 0.51
C TYR B 59 15.26 10.85 1.05
N GLY B 60 16.15 11.41 0.22
CA GLY B 60 16.95 12.58 0.61
C GLY B 60 16.09 13.79 0.94
N TYR B 61 15.16 14.11 0.05
CA TYR B 61 14.20 15.22 0.26
C TYR B 61 13.34 15.00 1.51
N ALA B 62 13.05 13.74 1.86
CA ALA B 62 12.30 13.38 3.06
C ALA B 62 13.18 13.34 4.32
N GLY B 63 14.46 13.70 4.18
CA GLY B 63 15.32 13.82 5.35
C GLY B 63 16.13 12.59 5.73
N ALA B 64 16.09 11.55 4.91
CA ALA B 64 16.90 10.36 5.21
C ALA B 64 18.35 10.59 4.78
N LYS B 65 19.29 9.81 5.35
CA LYS B 65 20.70 9.78 4.94
C LYS B 65 20.68 8.73 3.84
N VAL B 66 21.16 9.08 2.64
CA VAL B 66 21.04 8.17 1.50
C VAL B 66 22.35 7.53 1.10
N PHE B 67 22.39 6.21 1.08
CA PHE B 67 23.58 5.51 0.60
C PHE B 67 23.20 4.82 -0.73
N MET B 68 23.75 5.32 -1.82
CA MET B 68 23.42 4.81 -3.16
C MET B 68 24.42 3.77 -3.62
N THR B 69 23.93 2.71 -4.24
CA THR B 69 24.85 1.70 -4.78
C THR B 69 24.44 1.35 -6.20
N GLY B 70 25.43 1.00 -7.02
CA GLY B 70 25.25 0.62 -8.41
C GLY B 70 26.60 0.24 -8.99
N ARG B 71 26.65 -0.08 -10.27
CA ARG B 71 27.93 -0.48 -10.87
C ARG B 71 28.68 0.66 -11.55
N ASN B 72 27.98 1.74 -11.90
CA ASN B 72 28.57 2.86 -12.63
C ASN B 72 29.00 4.00 -11.69
N GLU B 73 30.30 4.07 -11.39
CA GLU B 73 30.86 5.10 -10.50
C GLU B 73 30.61 6.53 -10.98
N LYS B 74 30.78 6.82 -12.30
CA LYS B 74 30.58 8.17 -12.82
C LYS B 74 29.13 8.66 -12.60
N LYS B 75 28.16 7.77 -12.85
CA LYS B 75 26.75 8.09 -12.64
C LYS B 75 26.42 8.28 -11.15
N LEU B 76 27.04 7.47 -10.25
CA LEU B 76 26.82 7.62 -8.80
C LEU B 76 27.42 8.96 -8.32
N GLN B 77 28.60 9.33 -8.85
CA GLN B 77 29.27 10.60 -8.50
C GLN B 77 28.43 11.79 -8.93
N ALA B 78 27.81 11.72 -10.12
CA ALA B 78 26.95 12.78 -10.64
C ALA B 78 25.72 12.98 -9.73
N LEU B 79 25.13 11.87 -9.26
CA LEU B 79 23.96 11.94 -8.37
C LEU B 79 24.37 12.55 -7.02
N GLU B 80 25.50 12.07 -6.45
CA GLU B 80 26.00 12.58 -5.17
C GLU B 80 26.23 14.10 -5.24
N ALA B 81 26.84 14.60 -6.35
CA ALA B 81 27.05 16.05 -6.53
C ALA B 81 25.71 16.83 -6.61
N GLU B 82 24.75 16.33 -7.39
CA GLU B 82 23.44 16.98 -7.54
C GLU B 82 22.72 17.03 -6.18
N PHE B 83 22.72 15.90 -5.44
CA PHE B 83 22.01 15.82 -4.16
C PHE B 83 22.65 16.72 -3.10
N LYS B 84 23.99 16.67 -3.00
CA LYS B 84 24.69 17.49 -2.01
C LYS B 84 24.44 19.00 -2.25
N ALA B 85 24.27 19.40 -3.54
CA ALA B 85 24.02 20.80 -3.89
C ALA B 85 22.65 21.25 -3.34
N GLU B 86 21.76 20.27 -2.98
CA GLU B 86 20.45 20.53 -2.43
C GLU B 86 20.35 20.19 -0.93
N GLY B 87 21.51 20.02 -0.29
CA GLY B 87 21.61 19.77 1.15
C GLY B 87 21.30 18.36 1.61
N ILE B 88 21.19 17.40 0.67
CA ILE B 88 20.95 15.99 1.01
C ILE B 88 22.26 15.35 1.50
N ASP B 89 22.19 14.60 2.62
CA ASP B 89 23.32 13.86 3.17
C ASP B 89 23.32 12.53 2.44
N CYS B 90 24.30 12.33 1.56
CA CYS B 90 24.38 11.11 0.77
C CYS B 90 25.80 10.67 0.52
N ALA B 91 25.94 9.41 0.12
CA ALA B 91 27.21 8.80 -0.21
C ALA B 91 26.93 7.66 -1.19
N TYR B 92 27.98 7.10 -1.77
CA TYR B 92 27.79 5.99 -2.68
C TYR B 92 28.85 4.92 -2.47
N GLY B 93 28.54 3.73 -2.98
CA GLY B 93 29.46 2.59 -2.97
C GLY B 93 29.23 1.80 -4.23
N VAL B 94 30.29 1.49 -4.97
CA VAL B 94 30.22 0.73 -6.21
C VAL B 94 30.21 -0.75 -5.87
N ALA B 95 29.24 -1.50 -6.43
CA ALA B 95 29.16 -2.94 -6.20
C ALA B 95 28.28 -3.60 -7.22
N ASP B 96 28.65 -4.82 -7.62
CA ASP B 96 27.80 -5.67 -8.45
C ASP B 96 26.88 -6.38 -7.41
N PRO B 97 25.53 -6.15 -7.45
CA PRO B 97 24.65 -6.73 -6.42
C PRO B 97 24.56 -8.25 -6.40
N ALA B 98 25.04 -8.93 -7.46
CA ALA B 98 25.04 -10.40 -7.50
C ALA B 98 26.33 -10.95 -6.87
N ASP B 99 27.30 -10.06 -6.59
CA ASP B 99 28.63 -10.42 -6.04
C ASP B 99 28.63 -10.23 -4.54
N GLU B 100 28.53 -11.35 -3.87
CA GLU B 100 28.49 -11.50 -2.43
C GLU B 100 29.62 -10.74 -1.67
N ALA B 101 30.88 -10.80 -2.15
CA ALA B 101 32.00 -10.10 -1.53
C ALA B 101 31.86 -8.58 -1.71
N GLN B 102 31.44 -8.14 -2.90
CA GLN B 102 31.26 -6.70 -3.17
C GLN B 102 30.09 -6.12 -2.37
N VAL B 103 29.02 -6.90 -2.20
CA VAL B 103 27.86 -6.44 -1.43
C VAL B 103 28.23 -6.29 0.03
N ASP B 104 28.94 -7.28 0.58
CA ASP B 104 29.41 -7.25 1.96
C ASP B 104 30.27 -6.00 2.23
N ALA B 105 31.24 -5.70 1.34
CA ALA B 105 32.11 -4.54 1.45
C ALA B 105 31.32 -3.23 1.33
N MET B 106 30.31 -3.20 0.46
CA MET B 106 29.46 -2.04 0.25
C MET B 106 28.65 -1.72 1.51
N ILE B 107 28.03 -2.74 2.15
CA ILE B 107 27.30 -2.56 3.41
C ILE B 107 28.24 -2.07 4.53
N THR B 108 29.46 -2.62 4.60
CA THR B 108 30.48 -2.18 5.56
C THR B 108 30.79 -0.69 5.36
N ALA B 109 30.90 -0.24 4.10
CA ALA B 109 31.16 1.18 3.79
C ALA B 109 29.97 2.06 4.21
N CYS B 110 28.74 1.55 4.02
CA CYS B 110 27.56 2.31 4.45
C CYS B 110 27.53 2.44 5.98
N VAL B 111 27.83 1.34 6.71
CA VAL B 111 27.89 1.33 8.18
C VAL B 111 29.01 2.26 8.70
N ALA B 112 30.17 2.29 8.00
CA ALA B 112 31.28 3.15 8.37
C ALA B 112 30.90 4.62 8.22
N GLN B 113 30.15 4.95 7.15
CA GLN B 113 29.72 6.32 6.88
C GLN B 113 28.61 6.80 7.80
N TYR B 114 27.58 5.96 8.01
CA TYR B 114 26.37 6.39 8.72
C TYR B 114 26.04 5.68 10.03
N GLY B 115 26.80 4.65 10.39
CA GLY B 115 26.62 3.90 11.63
C GLY B 115 25.66 2.73 11.59
N GLU B 116 24.74 2.70 10.61
CA GLU B 116 23.72 1.68 10.53
C GLU B 116 23.00 1.68 9.18
N VAL B 117 22.12 0.69 8.98
CA VAL B 117 21.25 0.67 7.81
C VAL B 117 19.84 0.45 8.38
N ASN B 118 18.88 1.37 8.06
CA ASN B 118 17.51 1.28 8.56
C ASN B 118 16.50 0.88 7.52
N ILE B 119 16.75 1.29 6.28
CA ILE B 119 15.86 1.04 5.16
C ILE B 119 16.70 0.52 4.00
N LEU B 120 16.17 -0.48 3.30
CA LEU B 120 16.76 -0.99 2.06
C LEU B 120 15.71 -0.92 0.96
N ALA B 121 16.04 -0.27 -0.17
CA ALA B 121 15.16 -0.22 -1.34
C ALA B 121 15.93 -0.90 -2.48
N VAL B 122 15.39 -2.04 -2.96
CA VAL B 122 16.05 -2.84 -4.01
C VAL B 122 15.44 -2.49 -5.36
N THR B 123 16.17 -1.77 -6.21
CA THR B 123 15.60 -1.33 -7.49
C THR B 123 16.38 -1.81 -8.72
N HIS B 124 17.51 -2.46 -8.54
CA HIS B 124 18.34 -2.91 -9.67
C HIS B 124 17.65 -4.05 -10.39
N GLY B 125 18.15 -4.39 -11.57
CA GLY B 125 17.58 -5.49 -12.32
C GLY B 125 18.11 -5.55 -13.72
N PHE B 126 17.61 -6.52 -14.49
CA PHE B 126 18.03 -6.77 -15.86
C PHE B 126 16.97 -7.56 -16.58
N ASN B 127 16.78 -7.28 -17.85
CA ASN B 127 15.92 -8.08 -18.70
C ASN B 127 16.47 -8.12 -20.12
N LYS B 128 16.17 -9.19 -20.84
CA LYS B 128 16.50 -9.33 -22.25
C LYS B 128 15.43 -10.29 -22.79
N PRO B 129 14.23 -9.78 -23.17
CA PRO B 129 13.16 -10.70 -23.62
C PRO B 129 13.57 -11.53 -24.83
N GLN B 130 13.23 -12.82 -24.81
CA GLN B 130 13.53 -13.76 -25.90
C GLN B 130 12.64 -14.96 -25.69
N ASN B 131 12.07 -15.50 -26.78
CA ASN B 131 11.21 -16.70 -26.73
C ASN B 131 12.06 -17.86 -26.17
N ILE B 132 11.42 -18.78 -25.44
CA ILE B 132 12.10 -19.94 -24.87
C ILE B 132 12.86 -20.78 -25.92
N LEU B 133 12.31 -20.88 -27.14
CA LEU B 133 12.95 -21.68 -28.18
C LEU B 133 14.30 -21.09 -28.62
N GLU B 134 14.43 -19.76 -28.55
CA GLU B 134 15.64 -19.06 -28.98
C GLU B 134 16.54 -18.64 -27.81
N GLN B 135 16.05 -18.78 -26.59
CA GLN B 135 16.79 -18.37 -25.40
C GLN B 135 17.58 -19.54 -24.82
N SER B 136 18.91 -19.46 -24.85
CA SER B 136 19.75 -20.51 -24.31
C SER B 136 19.59 -20.59 -22.79
N VAL B 137 19.94 -21.75 -22.23
CA VAL B 137 19.91 -21.95 -20.79
C VAL B 137 20.84 -20.90 -20.12
N ALA B 138 22.01 -20.62 -20.73
CA ALA B 138 22.94 -19.60 -20.24
C ALA B 138 22.31 -18.20 -20.22
N ASP B 139 21.54 -17.83 -21.27
CA ASP B 139 20.85 -16.54 -21.31
C ASP B 139 19.76 -16.44 -20.24
N TRP B 140 19.03 -17.54 -20.03
CA TRP B 140 18.02 -17.57 -18.97
C TRP B 140 18.71 -17.41 -17.60
N GLN B 141 19.80 -18.15 -17.40
CA GLN B 141 20.58 -18.08 -16.14
C GLN B 141 21.15 -16.67 -15.89
N TYR B 142 21.55 -15.97 -16.95
CA TYR B 142 22.10 -14.62 -16.86
C TYR B 142 21.05 -13.69 -16.25
N ILE B 143 19.78 -13.80 -16.69
CA ILE B 143 18.71 -12.99 -16.13
C ILE B 143 18.50 -13.37 -14.67
N MET B 144 18.47 -14.66 -14.38
CA MET B 144 18.23 -15.13 -13.01
C MET B 144 19.32 -14.62 -12.07
N ASP B 145 20.60 -14.68 -12.49
CA ASP B 145 21.71 -14.20 -11.64
C ASP B 145 21.62 -12.68 -11.42
N ALA B 146 21.45 -11.92 -12.50
CA ALA B 146 21.42 -10.47 -12.43
C ALA B 146 20.17 -9.90 -11.74
N ASP B 147 19.02 -10.54 -11.96
CA ASP B 147 17.75 -10.04 -11.48
C ASP B 147 17.16 -10.72 -10.24
N CYS B 148 17.51 -11.98 -9.96
CA CYS B 148 16.93 -12.74 -8.84
C CYS B 148 17.96 -13.05 -7.73
N LYS B 149 19.06 -13.70 -8.09
CA LYS B 149 20.13 -14.03 -7.13
C LYS B 149 20.59 -12.77 -6.41
N SER B 150 20.73 -11.67 -7.16
CA SER B 150 21.18 -10.38 -6.60
C SER B 150 20.24 -9.84 -5.49
N VAL B 151 18.93 -10.11 -5.60
CA VAL B 151 17.94 -9.72 -4.58
C VAL B 151 18.22 -10.58 -3.34
N TYR B 152 18.48 -11.88 -3.51
CA TYR B 152 18.77 -12.72 -2.34
C TYR B 152 20.03 -12.21 -1.65
N VAL B 153 21.09 -11.94 -2.42
CA VAL B 153 22.39 -11.52 -1.85
C VAL B 153 22.21 -10.23 -1.03
N VAL B 154 21.61 -9.19 -1.64
CA VAL B 154 21.45 -7.92 -0.95
C VAL B 154 20.55 -8.05 0.27
N CYS B 155 19.41 -8.72 0.13
CA CYS B 155 18.51 -8.88 1.28
C CYS B 155 19.13 -9.67 2.41
N LYS B 156 19.83 -10.75 2.11
CA LYS B 156 20.45 -11.58 3.16
C LYS B 156 21.48 -10.75 3.95
N TYR B 157 22.39 -10.04 3.24
CA TYR B 157 23.43 -9.28 3.92
C TYR B 157 22.88 -8.05 4.67
N VAL B 158 21.88 -7.35 4.09
CA VAL B 158 21.31 -6.19 4.79
C VAL B 158 20.49 -6.70 6.00
N ALA B 159 19.74 -7.81 5.83
CA ALA B 159 18.95 -8.34 6.95
C ALA B 159 19.88 -8.73 8.08
N GLN B 160 21.03 -9.37 7.76
CA GLN B 160 22.01 -9.74 8.80
C GLN B 160 22.51 -8.51 9.55
N GLN B 161 22.75 -7.40 8.83
CA GLN B 161 23.19 -6.15 9.44
C GLN B 161 22.08 -5.60 10.36
N MET B 162 20.81 -5.65 9.92
CA MET B 162 19.70 -5.17 10.72
C MET B 162 19.55 -6.03 11.97
N VAL B 163 19.72 -7.35 11.85
CA VAL B 163 19.67 -8.25 13.01
C VAL B 163 20.77 -7.86 14.02
N ASP B 164 22.01 -7.69 13.53
CA ASP B 164 23.18 -7.29 14.33
C ASP B 164 22.91 -5.99 15.13
N GLN B 165 22.23 -5.01 14.52
CA GLN B 165 21.87 -3.72 15.11
C GLN B 165 20.81 -3.85 16.20
N GLY B 166 19.88 -4.78 16.04
CA GLY B 166 18.82 -5.02 17.03
C GLY B 166 17.74 -3.95 17.12
N LYS B 167 17.54 -3.16 16.05
CA LYS B 167 16.57 -2.08 16.01
C LYS B 167 15.46 -2.31 14.98
N GLY B 168 15.38 -3.49 14.40
CA GLY B 168 14.41 -3.74 13.34
C GLY B 168 14.82 -3.07 12.05
N GLY B 169 13.91 -2.95 11.12
CA GLY B 169 14.24 -2.32 9.85
C GLY B 169 13.16 -2.53 8.83
N LYS B 170 13.36 -1.93 7.64
CA LYS B 170 12.41 -1.99 6.53
C LYS B 170 13.11 -2.39 5.26
N ILE B 171 12.55 -3.34 4.55
CA ILE B 171 13.08 -3.74 3.24
C ILE B 171 11.95 -3.63 2.25
N VAL B 172 12.22 -2.93 1.14
CA VAL B 172 11.26 -2.72 0.05
C VAL B 172 11.93 -3.24 -1.21
N VAL B 173 11.39 -4.30 -1.80
CA VAL B 173 11.95 -4.87 -3.04
C VAL B 173 11.09 -4.44 -4.19
N VAL B 174 11.68 -3.83 -5.22
CA VAL B 174 10.86 -3.47 -6.37
C VAL B 174 10.83 -4.66 -7.33
N THR B 175 9.66 -5.28 -7.51
CA THR B 175 9.55 -6.41 -8.44
C THR B 175 8.94 -5.88 -9.71
N SER B 176 7.71 -6.33 -10.04
CA SER B 176 7.04 -5.93 -11.27
C SER B 176 5.66 -6.48 -11.23
N GLN B 177 4.75 -5.91 -12.03
CA GLN B 177 3.45 -6.57 -12.21
C GLN B 177 3.69 -7.94 -12.95
N ARG B 178 4.88 -8.12 -13.58
CA ARG B 178 5.26 -9.40 -14.22
C ARG B 178 5.54 -10.50 -13.15
N SER B 179 5.52 -10.15 -11.86
CA SER B 179 5.70 -11.17 -10.81
C SER B 179 4.40 -11.96 -10.68
N LYS B 180 3.29 -11.43 -11.24
CA LYS B 180 1.99 -12.09 -11.14
C LYS B 180 1.35 -12.42 -12.48
N ARG B 181 1.91 -11.89 -13.60
CA ARG B 181 1.32 -12.13 -14.93
C ARG B 181 2.45 -12.48 -15.89
N GLY B 182 2.31 -13.59 -16.59
CA GLY B 182 3.29 -14.00 -17.60
C GLY B 182 3.27 -13.10 -18.83
N MET B 183 4.25 -13.26 -19.71
CA MET B 183 4.31 -12.47 -20.94
C MET B 183 5.18 -13.20 -21.91
N ALA B 184 4.84 -13.13 -23.21
CA ALA B 184 5.64 -13.76 -24.25
C ALA B 184 7.08 -13.19 -24.18
N GLY B 185 8.08 -14.07 -24.24
CA GLY B 185 9.49 -13.68 -24.21
C GLY B 185 10.05 -13.47 -22.82
N TYR B 186 9.18 -13.58 -21.78
CA TYR B 186 9.60 -13.27 -20.41
C TYR B 186 9.86 -14.50 -19.53
N THR B 187 10.23 -15.67 -20.12
CA THR B 187 10.51 -16.81 -19.21
C THR B 187 11.63 -16.50 -18.20
N GLY B 188 12.58 -15.62 -18.55
CA GLY B 188 13.61 -15.25 -17.58
C GLY B 188 13.09 -14.28 -16.53
N TYR B 189 12.64 -13.10 -16.98
CA TYR B 189 12.15 -12.04 -16.10
C TYR B 189 10.98 -12.44 -15.24
N CYS B 190 9.98 -13.16 -15.81
CA CYS B 190 8.82 -13.58 -15.01
C CYS B 190 9.22 -14.61 -13.97
N THR B 191 10.18 -15.52 -14.30
CA THR B 191 10.64 -16.46 -13.27
C THR B 191 11.32 -15.68 -12.13
N SER B 192 12.17 -14.73 -12.49
CA SER B 192 12.90 -13.92 -11.51
C SER B 192 11.93 -13.10 -10.63
N LYS B 193 10.94 -12.43 -11.24
CA LYS B 193 10.05 -11.56 -10.46
C LYS B 193 9.03 -12.37 -9.68
N GLY B 194 8.50 -13.42 -10.32
CA GLY B 194 7.55 -14.33 -9.68
C GLY B 194 8.20 -14.93 -8.44
N GLY B 195 9.46 -15.34 -8.61
CA GLY B 195 10.24 -15.91 -7.51
C GLY B 195 10.53 -14.89 -6.42
N ALA B 196 10.92 -13.65 -6.80
CA ALA B 196 11.24 -12.59 -5.81
C ALA B 196 10.04 -12.24 -4.93
N ASP B 197 8.80 -12.22 -5.49
CA ASP B 197 7.61 -11.97 -4.68
C ASP B 197 7.48 -13.02 -3.56
N LEU B 198 7.72 -14.30 -3.89
CA LEU B 198 7.66 -15.38 -2.88
C LEU B 198 8.84 -15.36 -1.95
N MET B 199 10.02 -14.94 -2.45
CA MET B 199 11.20 -14.81 -1.60
C MET B 199 10.86 -13.73 -0.52
N VAL B 200 10.21 -12.62 -0.92
CA VAL B 200 9.80 -11.55 0.02
C VAL B 200 8.86 -12.09 1.12
N SER B 201 7.80 -12.83 0.73
CA SER B 201 6.87 -13.42 1.70
C SER B 201 7.56 -14.39 2.65
N SER B 202 8.51 -15.17 2.12
CA SER B 202 9.25 -16.13 2.97
C SER B 202 10.24 -15.41 3.89
N MET B 203 10.87 -14.32 3.40
CA MET B 203 11.75 -13.50 4.24
C MET B 203 10.96 -12.87 5.37
N ALA B 204 9.71 -12.42 5.13
CA ALA B 204 8.87 -11.89 6.20
C ALA B 204 8.64 -12.97 7.26
N CYS B 205 8.39 -14.22 6.83
CA CYS B 205 8.22 -15.36 7.74
C CYS B 205 9.48 -15.61 8.56
N ASP B 206 10.65 -15.44 7.94
CA ASP B 206 11.94 -15.65 8.62
C ASP B 206 12.31 -14.53 9.58
N LEU B 207 11.92 -13.27 9.28
CA LEU B 207 12.45 -12.10 10.00
C LEU B 207 11.53 -11.18 10.77
N SER B 208 10.28 -11.01 10.34
CA SER B 208 9.45 -9.96 10.91
C SER B 208 9.09 -10.13 12.39
N ALA B 209 8.60 -11.29 12.79
CA ALA B 209 8.17 -11.49 14.19
C ALA B 209 9.33 -11.44 15.15
N LYS B 210 10.43 -12.13 14.83
CA LYS B 210 11.59 -12.27 15.70
C LYS B 210 12.45 -11.01 15.78
N TYR B 211 12.66 -10.33 14.63
CA TYR B 211 13.59 -9.21 14.56
C TYR B 211 13.02 -7.85 14.25
N GLY B 212 11.73 -7.76 13.98
CA GLY B 212 11.10 -6.48 13.68
C GLY B 212 11.52 -5.92 12.34
N ILE B 213 11.87 -6.80 11.39
CA ILE B 213 12.25 -6.39 10.02
C ILE B 213 11.07 -6.66 9.10
N ASN B 214 10.43 -5.58 8.58
CA ASN B 214 9.32 -5.74 7.63
C ASN B 214 9.95 -5.91 6.25
N VAL B 215 9.40 -6.81 5.44
CA VAL B 215 9.92 -7.07 4.10
C VAL B 215 8.71 -7.07 3.18
N ASN B 216 8.68 -6.18 2.20
CA ASN B 216 7.55 -6.08 1.27
C ASN B 216 8.08 -5.84 -0.12
N SER B 217 7.24 -6.11 -1.14
CA SER B 217 7.60 -5.73 -2.51
C SER B 217 6.56 -4.78 -3.08
N ILE B 218 6.96 -4.02 -4.10
CA ILE B 218 6.04 -3.18 -4.89
C ILE B 218 6.11 -3.73 -6.30
N CYS B 219 4.95 -3.82 -6.97
CA CYS B 219 4.80 -4.44 -8.28
C CYS B 219 4.37 -3.39 -9.29
N PRO B 220 5.31 -2.63 -9.85
CA PRO B 220 4.92 -1.59 -10.80
C PRO B 220 4.62 -2.05 -12.21
N THR B 221 3.83 -1.21 -12.89
CA THR B 221 3.60 -1.35 -14.32
C THR B 221 4.83 -0.68 -15.01
N VAL B 222 4.80 -0.58 -16.33
CA VAL B 222 5.90 0.00 -17.09
C VAL B 222 5.94 1.52 -16.98
N PHE B 223 7.14 2.10 -17.20
CA PHE B 223 7.27 3.54 -17.25
C PHE B 223 7.00 4.04 -18.66
N ARG B 224 6.31 5.18 -18.76
CA ARG B 224 6.04 5.86 -20.02
C ARG B 224 7.32 5.98 -20.86
N SER B 225 8.43 6.40 -20.23
CA SER B 225 9.72 6.62 -20.93
C SER B 225 10.33 5.35 -21.53
N ASP B 226 9.97 4.16 -20.99
CA ASP B 226 10.44 2.88 -21.53
C ASP B 226 9.81 2.58 -22.91
N LEU B 227 8.66 3.21 -23.23
CA LEU B 227 7.89 2.90 -24.46
C LEU B 227 7.82 4.02 -25.49
N THR B 228 8.32 5.22 -25.16
CA THR B 228 8.29 6.41 -26.05
C THR B 228 9.04 6.21 -27.36
N GLU B 229 10.09 5.36 -27.37
CA GLU B 229 10.92 5.07 -28.55
C GLU B 229 10.10 4.54 -29.74
N TRP B 230 9.25 3.50 -29.50
CA TRP B 230 8.42 2.86 -30.52
C TRP B 230 6.97 3.38 -30.53
N MET B 231 6.71 4.48 -29.80
CA MET B 231 5.40 5.14 -29.68
C MET B 231 4.84 5.66 -31.03
N PHE B 232 5.73 6.10 -31.93
CA PHE B 232 5.34 6.66 -33.23
C PHE B 232 5.30 5.60 -34.35
N ASP B 233 5.53 4.32 -33.98
CA ASP B 233 5.51 3.20 -34.92
C ASP B 233 4.11 2.57 -34.97
N PRO B 234 3.36 2.75 -36.10
CA PRO B 234 2.01 2.15 -36.21
C PRO B 234 2.01 0.61 -36.17
N GLU B 235 3.15 -0.02 -36.56
CA GLU B 235 3.28 -1.48 -36.56
C GLU B 235 3.38 -2.06 -35.15
N SER B 236 3.67 -1.21 -34.13
CA SER B 236 3.81 -1.64 -32.74
C SER B 236 2.50 -1.47 -31.94
N ALA B 237 2.10 -2.54 -31.24
CA ALA B 237 0.90 -2.54 -30.43
C ALA B 237 1.24 -2.36 -28.94
N VAL B 238 2.54 -2.38 -28.59
CA VAL B 238 2.98 -2.37 -27.19
C VAL B 238 2.33 -1.24 -26.37
N TYR B 239 2.46 0.02 -26.81
CA TYR B 239 1.93 1.17 -26.07
C TYR B 239 0.44 1.05 -25.84
N GLN B 240 -0.31 0.72 -26.90
CA GLN B 240 -1.75 0.59 -26.76
C GLN B 240 -2.18 -0.64 -25.96
N ASN B 241 -1.44 -1.77 -26.05
CA ASN B 241 -1.75 -2.96 -25.28
C ASN B 241 -1.73 -2.61 -23.78
N PHE B 242 -0.72 -1.81 -23.36
CA PHE B 242 -0.63 -1.38 -21.95
C PHE B 242 -1.75 -0.37 -21.63
N LEU B 243 -1.96 0.66 -22.46
CA LEU B 243 -3.00 1.67 -22.20
C LEU B 243 -4.41 1.12 -22.07
N LYS B 244 -4.79 0.12 -22.90
CA LYS B 244 -6.11 -0.53 -22.80
C LYS B 244 -6.28 -1.18 -21.42
N ARG B 245 -5.16 -1.56 -20.81
CA ARG B 245 -5.15 -2.28 -19.54
C ARG B 245 -4.75 -1.42 -18.36
N GLU B 246 -4.85 -0.09 -18.48
CA GLU B 246 -4.52 0.82 -17.38
C GLU B 246 -5.75 1.64 -16.97
N PRO B 247 -6.54 1.14 -16.01
CA PRO B 247 -7.69 1.91 -15.50
C PRO B 247 -7.30 3.32 -15.03
N ILE B 248 -6.07 3.51 -14.51
CA ILE B 248 -5.60 4.85 -14.07
C ILE B 248 -5.58 5.85 -15.25
N GLY B 249 -5.44 5.35 -16.49
CA GLY B 249 -5.53 6.17 -17.70
C GLY B 249 -4.24 6.68 -18.31
N ARG B 250 -3.10 6.24 -17.76
CA ARG B 250 -1.78 6.67 -18.28
C ARG B 250 -0.72 5.71 -17.79
N LEU B 251 0.43 5.69 -18.47
CA LEU B 251 1.56 4.88 -18.02
C LEU B 251 2.24 5.63 -16.85
N ALA B 252 3.06 4.91 -16.12
CA ALA B 252 3.71 5.40 -14.91
C ALA B 252 4.94 6.25 -15.17
N GLU B 253 5.27 7.09 -14.18
CA GLU B 253 6.52 7.84 -14.09
C GLU B 253 7.18 7.29 -12.79
N PRO B 254 8.53 7.24 -12.68
CA PRO B 254 9.14 6.75 -11.42
C PRO B 254 8.61 7.48 -10.17
N GLU B 255 8.33 8.81 -10.27
CA GLU B 255 7.81 9.60 -9.14
C GLU B 255 6.47 9.06 -8.62
N ASP B 256 5.72 8.30 -9.46
CA ASP B 256 4.44 7.73 -9.05
C ASP B 256 4.56 6.65 -7.95
N PHE B 257 5.79 6.13 -7.74
CA PHE B 257 6.03 5.03 -6.77
C PHE B 257 6.79 5.48 -5.55
N VAL B 258 7.18 6.76 -5.50
CA VAL B 258 7.90 7.25 -4.31
C VAL B 258 7.01 7.21 -3.06
N GLY B 259 5.71 7.54 -3.20
CA GLY B 259 4.79 7.51 -2.06
C GLY B 259 4.69 6.11 -1.47
N TYR B 260 4.48 5.10 -2.30
CA TYR B 260 4.38 3.71 -1.80
C TYR B 260 5.71 3.28 -1.19
N ALA B 261 6.83 3.58 -1.86
CA ALA B 261 8.13 3.19 -1.29
C ALA B 261 8.36 3.84 0.08
N LEU B 262 8.11 5.15 0.22
CA LEU B 262 8.31 5.81 1.50
C LEU B 262 7.32 5.33 2.57
N PHE B 263 6.08 5.04 2.15
CA PHE B 263 5.08 4.50 3.09
C PHE B 263 5.60 3.18 3.69
N LEU B 264 6.08 2.26 2.83
CA LEU B 264 6.62 0.95 3.26
C LEU B 264 7.97 1.04 3.98
N SER B 265 8.56 2.26 4.04
CA SER B 265 9.84 2.48 4.71
C SER B 265 9.64 3.24 6.06
N SER B 266 8.38 3.52 6.42
CA SER B 266 8.03 4.33 7.59
C SER B 266 7.20 3.57 8.64
N ASP B 267 7.02 4.18 9.81
CA ASP B 267 6.20 3.63 10.90
C ASP B 267 4.75 3.43 10.51
N ALA B 268 4.28 4.17 9.49
CA ALA B 268 2.91 4.10 9.00
C ALA B 268 2.55 2.69 8.51
N SER B 269 3.59 1.87 8.16
CA SER B 269 3.40 0.51 7.64
C SER B 269 4.00 -0.57 8.59
N ASN B 270 4.13 -0.26 9.89
CA ASN B 270 4.70 -1.21 10.86
C ASN B 270 4.03 -2.59 10.92
N TYR B 271 2.73 -2.68 10.59
CA TYR B 271 2.03 -3.96 10.64
C TYR B 271 2.16 -4.74 9.30
N ILE B 272 2.58 -4.03 8.24
CA ILE B 272 2.61 -4.56 6.88
C ILE B 272 3.89 -5.32 6.62
N THR B 273 3.77 -6.61 6.36
CA THR B 273 4.94 -7.43 6.02
C THR B 273 4.54 -8.58 5.11
N GLY B 274 5.48 -8.99 4.27
CA GLY B 274 5.33 -10.07 3.30
C GLY B 274 4.35 -9.77 2.19
N ALA B 275 3.96 -8.49 2.02
CA ALA B 275 2.99 -8.08 1.00
C ALA B 275 3.68 -7.85 -0.32
N ASN B 276 2.94 -8.06 -1.43
CA ASN B 276 3.40 -7.75 -2.80
C ASN B 276 2.42 -6.67 -3.28
N CYS B 277 2.79 -5.40 -3.06
CA CYS B 277 1.93 -4.25 -3.27
C CYS B 277 1.71 -3.88 -4.73
N ASP B 278 0.44 -3.71 -5.08
CA ASP B 278 -0.01 -3.42 -6.44
C ASP B 278 0.25 -1.95 -6.83
N CYS B 279 1.27 -1.71 -7.66
CA CYS B 279 1.64 -0.41 -8.22
C CYS B 279 1.39 -0.44 -9.74
N SER B 280 0.37 -1.18 -10.14
CA SER B 280 0.10 -1.42 -11.55
C SER B 280 -0.86 -0.41 -12.19
N GLY B 281 -1.48 0.46 -11.39
CA GLY B 281 -2.47 1.43 -11.94
C GLY B 281 -3.75 0.73 -12.41
N GLY B 282 -3.99 -0.47 -11.88
CA GLY B 282 -5.16 -1.29 -12.20
C GLY B 282 -4.93 -2.38 -13.23
N TYR B 283 -3.71 -2.47 -13.78
CA TYR B 283 -3.37 -3.49 -14.77
C TYR B 283 -3.56 -4.88 -14.15
N LEU B 284 -3.21 -5.03 -12.87
CA LEU B 284 -3.37 -6.35 -12.24
C LEU B 284 -4.82 -6.70 -11.92
N THR B 285 -5.69 -5.70 -11.81
CA THR B 285 -7.07 -6.01 -11.41
C THR B 285 -8.13 -5.79 -12.46
N CYS B 286 -7.75 -5.70 -13.74
CA CYS B 286 -8.73 -5.59 -14.85
C CYS B 286 -8.42 -6.59 -16.02
#